data_7U0R
#
_entry.id   7U0R
#
_cell.length_a   108.958
_cell.length_b   108.958
_cell.length_c   112.260
_cell.angle_alpha   90.000
_cell.angle_beta   90.000
_cell.angle_gamma   90.000
#
_symmetry.space_group_name_H-M   'I 4'
#
loop_
_entity.id
_entity.type
_entity.pdbx_description
1 polymer 'Pyrrolysyl-tRNA synthetase'
2 non-polymer '{[3-(trifluoromethyl)phenyl]methyl}propanedioic acid'
3 non-polymer 'PHOSPHOAMINOPHOSPHONIC ACID-ADENYLATE ESTER'
4 non-polymer 2-AMINO-2-HYDROXYMETHYL-PROPANE-1,3-DIOL
5 non-polymer 'MAGNESIUM ION'
6 water water
#
_entity_poly.entity_id   1
_entity_poly.type   'polypeptide(L)'
_entity_poly.pdbx_seq_one_letter_code
;GSHMTVKYTDAQIQRLREYGNGTYEQKVFEDLASRDAAFSKEMSVASTDNEKKIKGMIANPSRHGLTQLMNDIADALVAE
GFIEVRTPIFISKDALARMTITEDKPLFKQVFWIDEKRALRPMLAPNLYSVMRDLRDHTDGPVKIFEMGSCFRKESHSGM
HLEEFTMLALADMGPRGDATEVLKNYISVVMKAAGLPDYDLVQEESDVYKETIDVEINGQEVCSAAVGPHYLDAAHDVHE
PWSGAGFGLERLLTIREKYSTVKKGGASISYLNGAKIN
;
_entity_poly.pdbx_strand_id   A,B
#
# COMPACT_ATOMS: atom_id res chain seq x y z
N MET A 4 -43.74 12.45 -18.42
CA MET A 4 -42.77 11.41 -18.09
C MET A 4 -41.95 11.75 -16.85
N THR A 5 -42.30 11.12 -15.72
CA THR A 5 -41.69 11.43 -14.43
C THR A 5 -41.17 10.21 -13.67
N VAL A 6 -41.35 9.00 -14.20
CA VAL A 6 -40.98 7.78 -13.51
C VAL A 6 -39.49 7.51 -13.73
N LYS A 7 -38.77 7.21 -12.66
CA LYS A 7 -37.35 6.92 -12.75
C LYS A 7 -37.07 5.49 -12.30
N TYR A 8 -35.86 5.00 -12.56
CA TYR A 8 -35.48 3.71 -12.00
C TYR A 8 -35.55 3.80 -10.50
N THR A 9 -35.98 2.72 -9.86
CA THR A 9 -35.98 2.71 -8.40
C THR A 9 -34.56 2.58 -7.89
N ASP A 10 -34.39 2.83 -6.59
CA ASP A 10 -33.07 2.74 -6.01
C ASP A 10 -32.52 1.32 -6.11
N ALA A 11 -33.37 0.32 -5.89
CA ALA A 11 -32.93 -1.06 -6.03
C ALA A 11 -32.50 -1.36 -7.45
N GLN A 12 -33.23 -0.81 -8.44
CA GLN A 12 -32.85 -0.99 -9.84
C GLN A 12 -31.53 -0.29 -10.15
N ILE A 13 -31.35 0.93 -9.65
CA ILE A 13 -30.06 1.63 -9.80
C ILE A 13 -28.91 0.79 -9.26
N GLN A 14 -29.06 0.21 -8.06
CA GLN A 14 -27.94 -0.60 -7.54
C GLN A 14 -27.69 -1.84 -8.38
N ARG A 15 -28.75 -2.49 -8.84
CA ARG A 15 -28.57 -3.63 -9.76
C ARG A 15 -27.91 -3.20 -11.08
N LEU A 16 -28.31 -2.07 -11.64
CA LEU A 16 -27.69 -1.60 -12.88
C LEU A 16 -26.21 -1.30 -12.67
N ARG A 17 -25.89 -0.59 -11.59
CA ARG A 17 -24.50 -0.22 -11.32
C ARG A 17 -23.61 -1.41 -10.96
N GLU A 18 -24.19 -2.57 -10.62
CA GLU A 18 -23.36 -3.70 -10.24
C GLU A 18 -22.43 -4.09 -11.37
N TYR A 19 -22.96 -4.17 -12.60
CA TYR A 19 -22.19 -4.56 -13.76
C TYR A 19 -21.97 -3.41 -14.70
N GLY A 20 -22.76 -2.35 -14.57
CA GLY A 20 -22.82 -1.30 -15.55
C GLY A 20 -22.16 -0.02 -15.06
N ASN A 21 -21.64 0.76 -16.01
CA ASN A 21 -21.04 2.05 -15.69
C ASN A 21 -21.68 3.18 -16.47
N GLY A 22 -22.93 3.01 -16.93
CA GLY A 22 -23.65 4.11 -17.53
C GLY A 22 -24.17 5.05 -16.46
N THR A 23 -24.98 6.02 -16.88
CA THR A 23 -25.55 7.00 -15.96
C THR A 23 -27.07 6.75 -15.87
N TYR A 24 -27.46 5.84 -15.00
CA TYR A 24 -28.83 5.33 -15.08
C TYR A 24 -29.84 6.26 -14.43
N GLU A 25 -29.40 7.06 -13.47
CA GLU A 25 -30.27 7.94 -12.69
C GLU A 25 -30.86 9.08 -13.52
N GLN A 26 -30.39 9.31 -14.75
CA GLN A 26 -30.95 10.35 -15.60
C GLN A 26 -32.20 9.91 -16.35
N LYS A 27 -32.42 8.61 -16.51
CA LYS A 27 -33.51 8.14 -17.35
C LYS A 27 -34.89 8.46 -16.75
N VAL A 28 -35.86 8.73 -17.63
CA VAL A 28 -37.23 8.96 -17.20
C VAL A 28 -38.18 8.20 -18.12
N PHE A 29 -39.32 7.83 -17.56
CA PHE A 29 -40.23 6.93 -18.23
C PHE A 29 -41.65 7.39 -18.01
N GLU A 30 -42.54 6.97 -18.91
CA GLU A 30 -43.94 7.36 -18.81
C GLU A 30 -44.63 6.68 -17.63
N ASP A 31 -44.44 5.37 -17.49
CA ASP A 31 -45.09 4.59 -16.45
C ASP A 31 -44.12 3.51 -15.94
N LEU A 32 -44.60 2.73 -14.97
CA LEU A 32 -43.78 1.64 -14.41
C LEU A 32 -43.48 0.59 -15.45
N ALA A 33 -44.44 0.32 -16.35
CA ALA A 33 -44.20 -0.70 -17.37
C ALA A 33 -42.98 -0.32 -18.21
N SER A 34 -42.90 0.94 -18.65
N SER A 34 -42.90 0.94 -18.66
CA SER A 34 -41.77 1.34 -19.50
CA SER A 34 -41.78 1.35 -19.50
C SER A 34 -40.48 1.37 -18.70
C SER A 34 -40.47 1.39 -18.71
N ARG A 35 -40.53 1.83 -17.45
CA ARG A 35 -39.35 1.78 -16.60
C ARG A 35 -38.80 0.37 -16.54
N ASP A 36 -39.67 -0.59 -16.24
CA ASP A 36 -39.20 -1.97 -16.07
C ASP A 36 -38.76 -2.62 -17.38
N ALA A 37 -39.40 -2.27 -18.51
CA ALA A 37 -38.91 -2.80 -19.78
C ALA A 37 -37.52 -2.23 -20.10
N ALA A 38 -37.31 -0.96 -19.82
CA ALA A 38 -35.99 -0.36 -20.03
C ALA A 38 -34.96 -0.95 -19.09
N PHE A 39 -35.33 -1.16 -17.82
CA PHE A 39 -34.44 -1.81 -16.87
C PHE A 39 -33.95 -3.15 -17.41
N SER A 40 -34.87 -3.96 -17.90
CA SER A 40 -34.53 -5.28 -18.42
C SER A 40 -33.46 -5.17 -19.52
N LYS A 41 -33.66 -4.27 -20.46
CA LYS A 41 -32.71 -4.07 -21.56
C LYS A 41 -31.39 -3.52 -21.04
N GLU A 42 -31.45 -2.50 -20.16
CA GLU A 42 -30.21 -1.90 -19.67
C GLU A 42 -29.38 -2.89 -18.86
N MET A 43 -30.03 -3.72 -18.04
CA MET A 43 -29.30 -4.73 -17.29
C MET A 43 -28.57 -5.69 -18.21
N SER A 44 -29.23 -6.08 -19.32
CA SER A 44 -28.60 -6.99 -20.27
C SER A 44 -27.40 -6.35 -20.92
N VAL A 45 -27.56 -5.12 -21.38
CA VAL A 45 -26.42 -4.41 -22.00
C VAL A 45 -25.28 -4.27 -21.01
N ALA A 46 -25.61 -3.95 -19.77
CA ALA A 46 -24.56 -3.75 -18.77
C ALA A 46 -23.77 -5.03 -18.56
N SER A 47 -24.48 -6.15 -18.43
CA SER A 47 -23.80 -7.43 -18.22
C SER A 47 -22.96 -7.83 -19.42
N THR A 48 -23.51 -7.67 -20.62
CA THR A 48 -22.78 -7.97 -21.85
C THR A 48 -21.57 -7.05 -22.03
N ASP A 49 -21.72 -5.75 -21.78
CA ASP A 49 -20.57 -4.84 -21.87
C ASP A 49 -19.48 -5.21 -20.86
N ASN A 50 -19.88 -5.58 -19.65
CA ASN A 50 -18.92 -5.96 -18.62
C ASN A 50 -18.15 -7.20 -19.03
N GLU A 51 -18.82 -8.20 -19.60
CA GLU A 51 -18.11 -9.40 -19.98
C GLU A 51 -17.07 -9.09 -21.04
N LYS A 52 -17.42 -8.23 -22.01
CA LYS A 52 -16.44 -7.78 -22.99
C LYS A 52 -15.23 -7.12 -22.34
N LYS A 53 -15.45 -6.24 -21.36
CA LYS A 53 -14.35 -5.52 -20.75
C LYS A 53 -13.39 -6.46 -20.04
N ILE A 54 -13.92 -7.45 -19.34
CA ILE A 54 -13.04 -8.28 -18.56
C ILE A 54 -12.21 -9.17 -19.50
N LYS A 55 -12.83 -9.62 -20.60
CA LYS A 55 -12.04 -10.40 -21.56
C LYS A 55 -10.96 -9.53 -22.20
N GLY A 56 -11.26 -8.25 -22.44
CA GLY A 56 -10.26 -7.38 -23.00
C GLY A 56 -9.08 -7.13 -22.08
N MET A 57 -9.30 -7.18 -20.78
CA MET A 57 -8.20 -7.00 -19.85
C MET A 57 -7.29 -8.21 -19.86
N ILE A 58 -7.91 -9.39 -19.87
CA ILE A 58 -7.13 -10.62 -19.90
C ILE A 58 -6.30 -10.67 -21.17
N ALA A 59 -6.81 -10.09 -22.26
CA ALA A 59 -6.11 -10.12 -23.53
C ALA A 59 -5.00 -9.11 -23.63
N ASN A 60 -5.03 -8.05 -22.82
N ASN A 60 -5.04 -8.03 -22.84
CA ASN A 60 -3.95 -7.05 -22.78
CA ASN A 60 -3.99 -7.01 -22.78
C ASN A 60 -3.66 -6.66 -21.34
C ASN A 60 -3.68 -6.67 -21.32
N PRO A 61 -2.95 -7.52 -20.62
CA PRO A 61 -2.70 -7.27 -19.19
C PRO A 61 -1.95 -5.96 -18.98
N SER A 62 -2.26 -5.27 -17.88
CA SER A 62 -1.71 -3.92 -17.68
C SER A 62 -1.44 -3.72 -16.20
N ARG A 63 -0.72 -2.64 -15.88
CA ARG A 63 -0.68 -2.19 -14.50
C ARG A 63 -2.10 -1.89 -14.05
N HIS A 64 -2.34 -2.03 -12.76
CA HIS A 64 -3.68 -1.75 -12.22
C HIS A 64 -4.01 -0.27 -12.38
N GLY A 65 -5.32 0.03 -12.53
CA GLY A 65 -5.71 1.42 -12.78
C GLY A 65 -5.44 2.34 -11.60
N LEU A 66 -5.61 1.85 -10.38
CA LEU A 66 -5.27 2.63 -9.19
C LEU A 66 -3.75 2.84 -9.07
N THR A 67 -2.98 1.78 -9.26
CA THR A 67 -1.53 1.92 -9.18
C THR A 67 -1.05 2.92 -10.22
N GLN A 68 -1.64 2.88 -11.41
CA GLN A 68 -1.23 3.77 -12.47
C GLN A 68 -1.53 5.21 -12.12
N LEU A 69 -2.70 5.46 -11.52
CA LEU A 69 -3.04 6.80 -11.08
C LEU A 69 -2.10 7.26 -9.99
N MET A 70 -1.81 6.37 -9.05
CA MET A 70 -0.84 6.70 -8.01
C MET A 70 0.49 7.11 -8.62
N ASN A 71 0.96 6.35 -9.60
CA ASN A 71 2.26 6.67 -10.22
C ASN A 71 2.22 7.99 -11.00
N ASP A 72 1.11 8.27 -11.70
CA ASP A 72 1.00 9.53 -12.44
C ASP A 72 1.04 10.72 -11.49
N ILE A 73 0.28 10.68 -10.41
CA ILE A 73 0.30 11.79 -9.46
C ILE A 73 1.67 11.86 -8.78
N ALA A 74 2.20 10.70 -8.37
CA ALA A 74 3.44 10.69 -7.61
C ALA A 74 4.61 11.22 -8.45
N ASP A 75 4.68 10.82 -9.71
CA ASP A 75 5.76 11.34 -10.56
C ASP A 75 5.60 12.84 -10.76
N ALA A 76 4.35 13.33 -10.84
CA ALA A 76 4.14 14.76 -10.98
C ALA A 76 4.57 15.50 -9.73
N LEU A 77 4.39 14.88 -8.56
CA LEU A 77 4.78 15.57 -7.33
C LEU A 77 6.30 15.51 -7.12
N VAL A 78 6.94 14.38 -7.41
CA VAL A 78 8.41 14.38 -7.45
C VAL A 78 8.94 15.48 -8.37
N ALA A 79 8.32 15.66 -9.52
CA ALA A 79 8.78 16.69 -10.42
C ALA A 79 8.58 18.10 -9.86
N GLU A 80 7.77 18.24 -8.81
CA GLU A 80 7.67 19.50 -8.07
C GLU A 80 8.55 19.52 -6.83
N GLY A 81 9.47 18.58 -6.71
CA GLY A 81 10.35 18.58 -5.56
C GLY A 81 9.80 17.97 -4.29
N PHE A 82 8.76 17.15 -4.38
CA PHE A 82 8.23 16.48 -3.20
C PHE A 82 8.96 15.19 -2.91
N ILE A 83 9.17 14.91 -1.62
CA ILE A 83 9.73 13.65 -1.16
C ILE A 83 8.59 12.66 -0.94
N GLU A 84 8.65 11.51 -1.62
CA GLU A 84 7.71 10.43 -1.30
C GLU A 84 8.16 9.68 -0.05
N VAL A 85 7.25 9.54 0.92
CA VAL A 85 7.49 8.78 2.16
C VAL A 85 6.45 7.68 2.28
N ARG A 86 6.80 6.63 3.01
CA ARG A 86 5.85 5.58 3.37
C ARG A 86 5.90 5.47 4.88
N THR A 87 4.73 5.52 5.54
CA THR A 87 4.67 5.45 6.99
C THR A 87 3.77 4.28 7.40
N PRO A 88 3.86 3.83 8.65
CA PRO A 88 3.10 2.65 9.07
C PRO A 88 1.60 2.87 9.03
N ILE A 89 0.88 1.77 8.73
CA ILE A 89 -0.57 1.80 8.79
C ILE A 89 -1.04 1.88 10.25
N PHE A 90 -0.29 1.32 11.19
CA PHE A 90 -0.62 1.42 12.61
C PHE A 90 -0.19 2.79 13.14
N ILE A 91 -1.08 3.45 13.89
CA ILE A 91 -0.72 4.64 14.66
C ILE A 91 -1.26 4.48 16.08
N SER A 92 -0.73 5.29 17.00
CA SER A 92 -1.07 5.16 18.40
C SER A 92 -2.34 5.91 18.77
N LYS A 93 -2.96 5.47 19.87
CA LYS A 93 -4.06 6.20 20.47
C LYS A 93 -3.65 7.63 20.80
N ASP A 94 -2.43 7.82 21.29
CA ASP A 94 -1.94 9.17 21.54
C ASP A 94 -1.89 10.00 20.26
N ALA A 95 -1.47 9.40 19.13
CA ALA A 95 -1.41 10.19 17.90
C ALA A 95 -2.80 10.69 17.50
N LEU A 96 -3.80 9.84 17.65
CA LEU A 96 -5.18 10.25 17.36
C LEU A 96 -5.65 11.36 18.29
N ALA A 97 -5.33 11.24 19.58
CA ALA A 97 -5.68 12.28 20.54
C ALA A 97 -5.07 13.62 20.14
N ARG A 98 -3.84 13.60 19.63
CA ARG A 98 -3.23 14.86 19.23
C ARG A 98 -3.93 15.48 18.02
N MET A 99 -4.75 14.71 17.30
CA MET A 99 -5.61 15.25 16.27
C MET A 99 -6.98 15.67 16.79
N THR A 100 -7.16 15.61 18.12
CA THR A 100 -8.45 15.79 18.82
C THR A 100 -9.46 14.69 18.50
N ILE A 101 -8.98 13.49 18.16
CA ILE A 101 -9.84 12.32 18.00
C ILE A 101 -9.73 11.56 19.32
N THR A 102 -10.64 11.86 20.25
CA THR A 102 -10.60 11.38 21.63
C THR A 102 -11.91 10.68 21.95
N GLU A 103 -11.88 9.96 23.07
CA GLU A 103 -12.95 9.02 23.40
C GLU A 103 -14.33 9.70 23.42
N ASP A 104 -14.40 10.95 23.90
CA ASP A 104 -15.67 11.67 23.92
C ASP A 104 -16.20 11.95 22.52
N LYS A 105 -15.34 12.29 21.58
CA LYS A 105 -15.77 12.77 20.28
C LYS A 105 -16.50 11.66 19.52
N PRO A 106 -17.56 12.00 18.76
CA PRO A 106 -18.22 10.97 17.94
C PRO A 106 -17.30 10.35 16.90
N LEU A 107 -16.34 11.11 16.38
CA LEU A 107 -15.44 10.61 15.35
C LEU A 107 -14.61 9.41 15.82
N PHE A 108 -14.50 9.22 17.14
CA PHE A 108 -13.70 8.15 17.70
C PHE A 108 -14.24 6.78 17.30
N LYS A 109 -15.54 6.68 17.06
CA LYS A 109 -16.18 5.40 16.81
C LYS A 109 -16.00 4.91 15.37
N GLN A 110 -15.48 5.74 14.47
CA GLN A 110 -15.14 5.27 13.14
C GLN A 110 -13.75 4.63 13.08
N VAL A 111 -13.03 4.57 14.19
CA VAL A 111 -11.65 4.10 14.21
C VAL A 111 -11.64 2.58 14.39
N PHE A 112 -10.85 1.87 13.56
CA PHE A 112 -10.60 0.45 13.77
C PHE A 112 -9.49 0.26 14.77
N TRP A 113 -9.74 -0.43 15.87
CA TRP A 113 -8.70 -0.63 16.87
C TRP A 113 -8.03 -1.97 16.69
N ILE A 114 -6.72 -1.97 16.90
CA ILE A 114 -5.88 -3.16 16.86
C ILE A 114 -5.65 -3.73 18.26
N ASP A 115 -5.17 -2.88 19.17
CA ASP A 115 -5.08 -3.20 20.59
C ASP A 115 -5.52 -1.96 21.37
N GLU A 116 -5.25 -1.97 22.67
CA GLU A 116 -5.69 -0.90 23.55
C GLU A 116 -5.04 0.44 23.17
N LYS A 117 -3.88 0.41 22.53
CA LYS A 117 -3.18 1.66 22.23
C LYS A 117 -2.75 1.79 20.77
N ARG A 118 -3.24 0.93 19.87
CA ARG A 118 -2.90 1.00 18.45
C ARG A 118 -4.15 0.87 17.58
N ALA A 119 -4.18 1.64 16.50
CA ALA A 119 -5.33 1.67 15.62
C ALA A 119 -4.86 1.66 14.16
N LEU A 120 -5.76 1.26 13.26
CA LEU A 120 -5.52 1.49 11.85
C LEU A 120 -5.68 2.98 11.56
N ARG A 121 -4.72 3.56 10.84
CA ARG A 121 -4.81 5.00 10.66
C ARG A 121 -6.04 5.31 9.83
N PRO A 122 -6.90 6.22 10.28
CA PRO A 122 -8.01 6.70 9.44
C PRO A 122 -7.62 7.87 8.55
N MET A 123 -6.39 8.36 8.69
CA MET A 123 -5.95 9.56 8.00
C MET A 123 -4.43 9.53 7.97
N LEU A 124 -3.84 10.31 7.06
CA LEU A 124 -2.38 10.32 6.95
C LEU A 124 -1.72 11.44 7.76
N ALA A 125 -2.47 12.46 8.20
CA ALA A 125 -1.81 13.59 8.86
C ALA A 125 -1.01 13.20 10.11
N PRO A 126 -1.43 12.27 10.97
CA PRO A 126 -0.60 11.98 12.16
C PRO A 126 0.83 11.61 11.81
N ASN A 127 1.02 10.68 10.88
CA ASN A 127 2.39 10.30 10.50
C ASN A 127 3.07 11.40 9.71
N LEU A 128 2.35 12.07 8.80
CA LEU A 128 3.03 13.09 8.02
C LEU A 128 3.45 14.28 8.89
N TYR A 129 2.62 14.65 9.86
CA TYR A 129 3.04 15.62 10.88
C TYR A 129 4.38 15.23 11.49
N SER A 130 4.49 13.96 11.86
CA SER A 130 5.69 13.51 12.56
C SER A 130 6.90 13.59 11.64
N VAL A 131 6.76 13.10 10.40
CA VAL A 131 7.90 13.11 9.49
C VAL A 131 8.26 14.52 9.08
N MET A 132 7.27 15.36 8.75
CA MET A 132 7.69 16.66 8.25
C MET A 132 8.41 17.45 9.34
N ARG A 133 7.96 17.30 10.58
CA ARG A 133 8.60 17.95 11.71
C ARG A 133 10.05 17.49 11.86
N ASP A 134 10.28 16.17 11.79
CA ASP A 134 11.64 15.62 11.84
C ASP A 134 12.50 16.10 10.69
N LEU A 135 11.96 16.11 9.46
CA LEU A 135 12.76 16.58 8.32
C LEU A 135 13.10 18.05 8.43
N ARG A 136 12.24 18.87 9.07
CA ARG A 136 12.58 20.27 9.30
C ARG A 136 13.85 20.41 10.14
N ASP A 137 14.16 19.41 10.96
CA ASP A 137 15.43 19.42 11.70
C ASP A 137 16.64 19.37 10.79
N HIS A 138 16.49 18.99 9.51
CA HIS A 138 17.66 18.84 8.64
C HIS A 138 17.79 19.92 7.57
N THR A 139 16.87 20.88 7.48
CA THR A 139 16.94 21.84 6.41
C THR A 139 16.27 23.14 6.84
N ASP A 140 16.69 24.23 6.22
CA ASP A 140 16.00 25.50 6.38
C ASP A 140 14.91 25.72 5.35
N GLY A 141 14.95 24.99 4.24
CA GLY A 141 14.03 25.26 3.17
C GLY A 141 12.66 24.64 3.41
N PRO A 142 11.78 24.81 2.42
CA PRO A 142 10.47 24.12 2.49
C PRO A 142 10.71 22.62 2.61
N VAL A 143 9.94 21.99 3.47
CA VAL A 143 9.89 20.54 3.57
C VAL A 143 8.64 20.12 2.80
N LYS A 144 8.81 19.42 1.67
CA LYS A 144 7.68 19.03 0.83
C LYS A 144 7.64 17.51 0.77
N ILE A 145 6.61 16.89 1.38
CA ILE A 145 6.53 15.43 1.41
C ILE A 145 5.13 15.01 0.97
N PHE A 146 5.02 13.74 0.56
CA PHE A 146 3.70 13.15 0.31
C PHE A 146 3.75 11.66 0.56
N GLU A 147 2.58 11.07 0.84
CA GLU A 147 2.42 9.63 0.99
C GLU A 147 1.14 9.21 0.27
N MET A 148 1.14 7.99 -0.29
CA MET A 148 -0.07 7.35 -0.80
C MET A 148 -0.18 6.02 -0.10
N GLY A 149 -1.32 5.74 0.52
CA GLY A 149 -1.42 4.51 1.29
C GLY A 149 -2.82 4.27 1.79
N SER A 150 -3.06 3.04 2.19
CA SER A 150 -4.37 2.66 2.71
C SER A 150 -4.69 3.38 4.02
N CYS A 151 -5.94 3.85 4.13
CA CYS A 151 -6.51 4.33 5.38
C CYS A 151 -7.82 3.58 5.63
N PHE A 152 -8.31 3.61 6.87
CA PHE A 152 -9.42 2.74 7.26
C PHE A 152 -10.41 3.51 8.13
N ARG A 153 -11.70 3.40 7.82
CA ARG A 153 -12.76 4.04 8.58
C ARG A 153 -13.99 3.13 8.61
N LYS A 154 -14.60 2.98 9.79
CA LYS A 154 -15.93 2.37 9.84
C LYS A 154 -16.93 3.34 9.21
N GLU A 155 -17.69 2.88 8.22
CA GLU A 155 -18.52 3.81 7.47
C GLU A 155 -19.97 3.33 7.45
N SER A 156 -20.81 4.10 6.74
CA SER A 156 -22.16 3.74 6.32
C SER A 156 -22.12 3.15 4.92
N HIS A 157 -23.29 3.09 4.25
CA HIS A 157 -23.39 2.55 2.90
C HIS A 157 -22.33 3.15 1.98
N SER A 158 -21.97 2.40 0.95
CA SER A 158 -20.90 2.77 0.04
C SER A 158 -21.32 3.88 -0.90
N GLY A 159 -21.69 5.05 -0.33
CA GLY A 159 -21.90 6.24 -1.13
C GLY A 159 -20.63 7.05 -1.18
N MET A 160 -19.85 6.85 -2.23
CA MET A 160 -18.46 7.30 -2.33
C MET A 160 -17.62 6.87 -1.11
N HIS A 161 -18.08 5.89 -0.31
CA HIS A 161 -17.38 5.48 0.91
C HIS A 161 -16.96 4.01 0.87
N LEU A 162 -15.67 3.76 1.06
CA LEU A 162 -15.09 2.45 1.30
C LEU A 162 -14.67 2.37 2.77
N GLU A 163 -14.52 1.15 3.31
CA GLU A 163 -13.93 0.98 4.64
C GLU A 163 -12.41 1.09 4.58
N GLU A 164 -11.80 0.61 3.51
CA GLU A 164 -10.38 0.81 3.23
C GLU A 164 -10.30 1.63 1.97
N PHE A 165 -9.61 2.78 2.03
CA PHE A 165 -9.46 3.57 0.82
C PHE A 165 -8.01 4.02 0.74
N THR A 166 -7.63 4.54 -0.42
CA THR A 166 -6.25 4.96 -0.62
C THR A 166 -6.21 6.48 -0.60
N MET A 167 -5.51 7.04 0.38
CA MET A 167 -5.34 8.49 0.43
C MET A 167 -3.98 8.87 -0.14
N LEU A 168 -3.94 9.98 -0.89
CA LEU A 168 -2.69 10.70 -1.22
C LEU A 168 -2.71 11.97 -0.36
N ALA A 169 -1.78 12.10 0.58
CA ALA A 169 -1.65 13.35 1.33
C ALA A 169 -0.30 13.98 1.03
N LEU A 170 -0.30 15.26 0.73
CA LEU A 170 0.91 16.03 0.52
C LEU A 170 0.94 17.14 1.55
N ALA A 171 2.13 17.63 1.86
CA ALA A 171 2.28 18.71 2.81
C ALA A 171 3.53 19.48 2.45
N ASP A 172 3.49 20.80 2.63
CA ASP A 172 4.65 21.67 2.41
C ASP A 172 4.73 22.53 3.66
N MET A 173 5.74 22.27 4.50
CA MET A 173 5.94 22.97 5.75
C MET A 173 6.96 24.07 5.55
N GLY A 174 6.58 25.29 5.93
CA GLY A 174 7.42 26.46 5.71
C GLY A 174 7.60 26.83 4.26
N PRO A 175 6.49 26.97 3.52
CA PRO A 175 6.60 27.24 2.09
C PRO A 175 7.16 28.63 1.81
N ARG A 176 7.75 28.74 0.62
CA ARG A 176 8.19 30.02 0.04
C ARG A 176 6.99 30.65 -0.66
N GLY A 177 6.34 31.60 0.00
CA GLY A 177 5.14 32.21 -0.51
C GLY A 177 3.97 31.98 0.43
N ASP A 178 2.87 32.65 0.10
CA ASP A 178 1.65 32.47 0.89
C ASP A 178 1.26 30.99 0.92
N ALA A 179 0.98 30.47 2.11
CA ALA A 179 0.71 29.04 2.23
C ALA A 179 -0.54 28.64 1.46
N THR A 180 -1.53 29.52 1.35
CA THR A 180 -2.74 29.17 0.59
C THR A 180 -2.47 29.19 -0.91
N GLU A 181 -1.71 30.17 -1.40
CA GLU A 181 -1.41 30.22 -2.82
C GLU A 181 -0.58 29.02 -3.26
N VAL A 182 0.39 28.63 -2.43
CA VAL A 182 1.18 27.43 -2.70
C VAL A 182 0.29 26.19 -2.72
N LEU A 183 -0.62 26.07 -1.75
CA LEU A 183 -1.55 24.93 -1.75
C LEU A 183 -2.35 24.86 -3.04
N LYS A 184 -2.92 25.99 -3.45
CA LYS A 184 -3.73 25.99 -4.66
C LYS A 184 -2.90 25.55 -5.86
N ASN A 185 -1.61 25.91 -5.88
CA ASN A 185 -0.80 25.47 -7.00
C ASN A 185 -0.55 23.95 -6.94
N TYR A 186 -0.30 23.41 -5.74
CA TYR A 186 -0.01 21.98 -5.66
C TYR A 186 -1.27 21.15 -5.93
N ILE A 187 -2.43 21.63 -5.51
CA ILE A 187 -3.67 20.94 -5.85
C ILE A 187 -3.83 20.87 -7.35
N SER A 188 -3.50 21.97 -8.03
CA SER A 188 -3.61 22.00 -9.48
C SER A 188 -2.69 20.97 -10.12
N VAL A 189 -1.48 20.83 -9.58
CA VAL A 189 -0.55 19.83 -10.11
C VAL A 189 -1.14 18.44 -10.00
N VAL A 190 -1.67 18.11 -8.82
CA VAL A 190 -2.26 16.79 -8.61
C VAL A 190 -3.43 16.55 -9.55
N MET A 191 -4.33 17.54 -9.66
CA MET A 191 -5.56 17.31 -10.39
C MET A 191 -5.29 17.19 -11.87
N LYS A 192 -4.41 18.03 -12.40
CA LYS A 192 -4.04 17.87 -13.80
C LYS A 192 -3.35 16.53 -14.02
N ALA A 193 -2.46 16.14 -13.11
CA ALA A 193 -1.77 14.86 -13.29
C ALA A 193 -2.73 13.69 -13.21
N ALA A 194 -3.85 13.86 -12.49
CA ALA A 194 -4.85 12.80 -12.41
C ALA A 194 -5.74 12.74 -13.63
N GLY A 195 -5.64 13.71 -14.54
CA GLY A 195 -6.53 13.87 -15.68
C GLY A 195 -7.84 14.53 -15.35
N LEU A 196 -7.92 15.31 -14.28
CA LEU A 196 -9.18 15.94 -13.86
C LEU A 196 -8.95 17.43 -13.68
N PRO A 197 -8.66 18.16 -14.76
CA PRO A 197 -8.28 19.59 -14.63
C PRO A 197 -9.43 20.50 -14.28
N ASP A 198 -10.67 20.04 -14.31
CA ASP A 198 -11.84 20.86 -14.02
C ASP A 198 -12.36 20.49 -12.65
N TYR A 199 -12.32 21.43 -11.72
CA TYR A 199 -12.75 21.20 -10.34
C TYR A 199 -12.93 22.56 -9.68
N ASP A 200 -13.55 22.52 -8.51
CA ASP A 200 -13.84 23.69 -7.72
C ASP A 200 -13.19 23.57 -6.34
N LEU A 201 -12.75 24.70 -5.80
CA LEU A 201 -12.25 24.77 -4.43
C LEU A 201 -13.34 25.36 -3.56
N VAL A 202 -13.75 24.62 -2.51
CA VAL A 202 -14.89 24.99 -1.71
C VAL A 202 -14.52 24.91 -0.25
N GLN A 203 -14.82 25.97 0.51
CA GLN A 203 -14.49 25.96 1.92
C GLN A 203 -15.56 25.22 2.71
N GLU A 204 -15.14 24.27 3.55
CA GLU A 204 -16.05 23.34 4.22
C GLU A 204 -15.68 23.23 5.69
N GLU A 205 -16.62 22.72 6.47
CA GLU A 205 -16.43 22.48 7.90
C GLU A 205 -15.82 21.10 8.13
N SER A 206 -15.15 20.95 9.28
CA SER A 206 -14.56 19.69 9.67
C SER A 206 -14.56 19.60 11.19
N ASP A 207 -14.85 18.41 11.74
CA ASP A 207 -14.73 18.24 13.18
C ASP A 207 -13.29 18.12 13.64
N VAL A 208 -12.36 17.83 12.73
CA VAL A 208 -10.95 17.74 13.08
C VAL A 208 -10.24 19.08 12.89
N TYR A 209 -10.37 19.67 11.71
CA TYR A 209 -9.64 20.88 11.33
C TYR A 209 -10.46 22.16 11.50
N LYS A 210 -11.76 22.03 11.77
CA LYS A 210 -12.75 23.09 11.91
C LYS A 210 -13.05 23.80 10.58
N GLU A 211 -12.11 23.83 9.65
CA GLU A 211 -12.37 24.40 8.35
C GLU A 211 -11.36 23.84 7.36
N THR A 212 -11.85 23.37 6.23
CA THR A 212 -10.96 22.92 5.17
C THR A 212 -11.28 23.66 3.87
N ILE A 213 -10.35 23.57 2.95
CA ILE A 213 -10.61 23.84 1.55
C ILE A 213 -10.77 22.48 0.90
N ASP A 214 -11.98 22.19 0.41
CA ASP A 214 -12.21 20.92 -0.27
C ASP A 214 -12.10 21.11 -1.78
N VAL A 215 -11.66 20.06 -2.45
CA VAL A 215 -11.74 19.97 -3.91
C VAL A 215 -13.01 19.18 -4.22
N GLU A 216 -13.83 19.72 -5.13
CA GLU A 216 -15.10 19.10 -5.50
C GLU A 216 -15.21 19.06 -7.01
N ILE A 217 -15.68 17.95 -7.53
CA ILE A 217 -16.05 17.84 -8.93
C ILE A 217 -17.54 17.58 -8.97
N ASN A 218 -18.29 18.52 -9.54
CA ASN A 218 -19.74 18.41 -9.60
C ASN A 218 -20.32 18.18 -8.21
N GLY A 219 -19.79 18.89 -7.22
CA GLY A 219 -20.28 18.72 -5.88
C GLY A 219 -19.80 17.48 -5.15
N GLN A 220 -18.93 16.67 -5.74
CA GLN A 220 -18.40 15.50 -5.05
C GLN A 220 -17.03 15.83 -4.44
N GLU A 221 -16.90 15.64 -3.14
CA GLU A 221 -15.63 15.89 -2.46
C GLU A 221 -14.60 14.86 -2.91
N VAL A 222 -13.46 15.32 -3.44
CA VAL A 222 -12.35 14.41 -3.69
C VAL A 222 -11.10 14.74 -2.86
N CYS A 223 -11.08 15.84 -2.11
CA CYS A 223 -9.90 16.22 -1.36
C CYS A 223 -10.33 17.14 -0.23
N SER A 224 -9.68 17.03 0.93
CA SER A 224 -9.77 18.08 1.94
C SER A 224 -8.37 18.58 2.22
N ALA A 225 -8.21 19.91 2.24
CA ALA A 225 -6.93 20.54 2.47
C ALA A 225 -7.05 21.54 3.62
N ALA A 226 -5.90 21.91 4.18
CA ALA A 226 -5.86 22.80 5.34
C ALA A 226 -4.59 23.62 5.26
N VAL A 227 -4.58 24.74 5.96
CA VAL A 227 -3.45 25.65 5.94
C VAL A 227 -3.11 26.02 7.37
N GLY A 228 -1.81 26.04 7.69
CA GLY A 228 -1.31 26.49 8.97
C GLY A 228 -0.70 27.87 8.86
N PRO A 229 -0.43 28.53 10.01
CA PRO A 229 -0.52 28.01 11.38
C PRO A 229 -1.93 27.58 11.77
N HIS A 230 -2.03 26.45 12.47
CA HIS A 230 -3.31 25.82 12.76
C HIS A 230 -3.32 25.40 14.23
N TYR A 231 -4.53 25.29 14.83
CA TYR A 231 -4.54 24.96 16.25
C TYR A 231 -4.01 23.55 16.54
N LEU A 232 -4.04 22.61 15.59
CA LEU A 232 -3.47 21.29 15.87
C LEU A 232 -1.94 21.29 15.85
N ASP A 233 -1.32 22.40 15.44
CA ASP A 233 0.14 22.42 15.27
C ASP A 233 0.88 22.26 16.59
N ALA A 234 0.39 22.88 17.66
CA ALA A 234 1.11 22.84 18.94
C ALA A 234 1.36 21.40 19.41
N ALA A 235 0.35 20.54 19.31
CA ALA A 235 0.50 19.17 19.78
C ALA A 235 1.48 18.35 18.94
N HIS A 236 1.88 18.88 17.79
CA HIS A 236 2.84 18.24 16.90
C HIS A 236 4.14 19.04 16.82
N ASP A 237 4.32 20.02 17.70
CA ASP A 237 5.57 20.76 17.80
C ASP A 237 5.89 21.50 16.49
N VAL A 238 4.85 21.98 15.80
CA VAL A 238 5.00 22.70 14.53
C VAL A 238 4.70 24.17 14.81
N HIS A 239 5.55 25.06 14.30
CA HIS A 239 5.47 26.45 14.71
C HIS A 239 5.72 27.36 13.53
N GLU A 240 5.17 27.02 12.35
CA GLU A 240 5.44 27.78 11.14
C GLU A 240 4.32 27.54 10.16
N PRO A 241 4.21 28.34 9.11
CA PRO A 241 3.15 28.13 8.13
C PRO A 241 3.36 26.82 7.37
N TRP A 242 2.25 26.24 6.95
CA TRP A 242 2.29 25.01 6.17
C TRP A 242 0.99 24.88 5.43
N SER A 243 0.98 24.05 4.40
CA SER A 243 -0.29 23.70 3.77
C SER A 243 -0.27 22.22 3.39
N GLY A 244 -1.43 21.57 3.49
CA GLY A 244 -1.48 20.16 3.17
C GLY A 244 -2.83 19.80 2.58
N ALA A 245 -2.86 18.66 1.89
CA ALA A 245 -4.09 18.26 1.25
C ALA A 245 -4.13 16.74 1.23
N GLY A 246 -5.31 16.16 1.47
CA GLY A 246 -5.45 14.72 1.34
C GLY A 246 -6.49 14.35 0.30
N PHE A 247 -6.11 13.59 -0.72
CA PHE A 247 -6.99 13.23 -1.83
C PHE A 247 -7.48 11.80 -1.68
N GLY A 248 -8.74 11.56 -2.05
CA GLY A 248 -9.20 10.19 -2.16
C GLY A 248 -8.96 9.65 -3.55
N LEU A 249 -7.96 8.76 -3.68
CA LEU A 249 -7.57 8.31 -5.02
C LEU A 249 -8.63 7.45 -5.70
N GLU A 250 -9.32 6.58 -4.97
CA GLU A 250 -10.44 5.84 -5.58
C GLU A 250 -11.55 6.78 -6.07
N ARG A 251 -11.87 7.81 -5.30
CA ARG A 251 -12.82 8.81 -5.77
C ARG A 251 -12.36 9.50 -7.06
N LEU A 252 -11.09 9.91 -7.13
CA LEU A 252 -10.59 10.51 -8.36
C LEU A 252 -10.72 9.54 -9.52
N LEU A 253 -10.25 8.30 -9.34
CA LEU A 253 -10.31 7.33 -10.43
C LEU A 253 -11.74 7.07 -10.87
N THR A 254 -12.65 6.87 -9.90
CA THR A 254 -14.07 6.66 -10.23
C THR A 254 -14.61 7.78 -11.11
N ILE A 255 -14.36 9.03 -10.73
CA ILE A 255 -14.90 10.16 -11.49
C ILE A 255 -14.26 10.24 -12.87
N ARG A 256 -12.94 10.10 -12.95
CA ARG A 256 -12.28 10.21 -14.24
C ARG A 256 -12.70 9.10 -15.20
N GLU A 257 -12.85 7.89 -14.70
CA GLU A 257 -13.20 6.78 -15.58
C GLU A 257 -14.71 6.62 -15.75
N LYS A 258 -15.50 7.41 -15.04
CA LYS A 258 -16.95 7.36 -15.11
C LYS A 258 -17.48 6.03 -14.58
N TYR A 259 -16.80 5.44 -13.60
CA TYR A 259 -17.37 4.25 -12.98
C TYR A 259 -18.60 4.65 -12.16
N SER A 260 -19.59 3.78 -12.14
CA SER A 260 -20.83 4.18 -11.49
C SER A 260 -20.77 4.09 -9.96
N THR A 261 -19.83 3.35 -9.39
CA THR A 261 -19.67 3.35 -7.94
C THR A 261 -18.19 3.41 -7.60
N VAL A 262 -17.89 3.79 -6.36
CA VAL A 262 -16.50 3.93 -5.95
C VAL A 262 -15.83 2.59 -5.65
N LYS A 263 -16.60 1.48 -5.65
CA LYS A 263 -16.06 0.16 -5.35
C LYS A 263 -15.27 -0.47 -6.50
N LYS A 264 -15.28 0.10 -7.68
CA LYS A 264 -14.85 -0.65 -8.85
C LYS A 264 -13.42 -0.40 -9.26
N GLY A 265 -12.82 0.70 -8.84
CA GLY A 265 -11.51 1.06 -9.37
C GLY A 265 -10.34 0.73 -8.46
N GLY A 266 -10.63 0.43 -7.20
CA GLY A 266 -9.62 0.18 -6.16
C GLY A 266 -9.40 -1.29 -5.87
N ALA A 267 -8.98 -1.56 -4.64
CA ALA A 267 -8.72 -2.91 -4.17
C ALA A 267 -10.02 -3.66 -4.05
N SER A 268 -10.06 -4.92 -4.49
CA SER A 268 -11.34 -5.63 -4.49
C SER A 268 -11.11 -7.09 -4.81
N ILE A 269 -11.99 -7.96 -4.30
CA ILE A 269 -12.05 -9.32 -4.85
C ILE A 269 -13.25 -9.54 -5.77
N SER A 270 -14.07 -8.51 -6.02
N SER A 270 -14.09 -8.52 -6.03
CA SER A 270 -15.14 -8.62 -6.99
CA SER A 270 -15.12 -8.68 -7.04
C SER A 270 -14.94 -7.79 -8.24
C SER A 270 -14.98 -7.76 -8.24
N TYR A 271 -14.14 -6.71 -8.18
CA TYR A 271 -13.97 -5.81 -9.31
C TYR A 271 -12.50 -5.74 -9.67
N LEU A 272 -12.23 -5.56 -10.97
CA LEU A 272 -10.89 -5.32 -11.48
C LEU A 272 -10.99 -4.24 -12.52
N ASN A 273 -10.42 -3.07 -12.23
CA ASN A 273 -10.39 -1.94 -13.17
C ASN A 273 -11.79 -1.63 -13.75
N GLY A 274 -12.79 -1.53 -12.87
CA GLY A 274 -14.10 -1.08 -13.31
C GLY A 274 -15.05 -2.20 -13.72
N ALA A 275 -14.56 -3.41 -13.90
CA ALA A 275 -15.35 -4.55 -14.37
C ALA A 275 -15.56 -5.56 -13.24
N LYS A 276 -16.74 -6.17 -13.17
CA LYS A 276 -16.99 -7.15 -12.15
C LYS A 276 -16.53 -8.51 -12.63
N ILE A 277 -15.78 -9.23 -11.80
CA ILE A 277 -15.19 -10.49 -12.25
C ILE A 277 -16.02 -11.70 -11.82
N ASN A 278 -17.04 -11.48 -11.01
CA ASN A 278 -17.82 -12.58 -10.49
C ASN A 278 -19.30 -12.23 -10.70
N GLY B 1 32.08 -11.50 23.85
CA GLY B 1 32.67 -10.81 24.98
C GLY B 1 34.13 -11.17 25.18
N SER B 2 34.79 -11.60 24.10
CA SER B 2 36.20 -11.96 24.18
C SER B 2 37.03 -10.73 24.53
N HIS B 3 37.97 -10.93 25.46
CA HIS B 3 38.92 -9.91 25.87
C HIS B 3 40.30 -10.13 25.26
N MET B 4 40.42 -11.03 24.27
CA MET B 4 41.66 -11.27 23.56
C MET B 4 41.57 -10.86 22.08
N THR B 5 40.64 -11.43 21.32
CA THR B 5 40.28 -10.87 20.01
C THR B 5 39.08 -9.95 20.24
N VAL B 6 39.37 -8.67 20.50
CA VAL B 6 38.34 -7.76 20.98
C VAL B 6 37.54 -7.25 19.80
N LYS B 7 36.24 -7.46 19.83
CA LYS B 7 35.32 -6.87 18.87
C LYS B 7 34.54 -5.71 19.49
N TYR B 8 33.82 -4.97 18.64
CA TYR B 8 32.84 -4.01 19.13
C TYR B 8 31.85 -4.73 20.06
N THR B 9 31.48 -4.08 21.17
CA THR B 9 30.49 -4.68 22.04
C THR B 9 29.13 -4.79 21.35
N ASP B 10 28.25 -5.65 21.89
CA ASP B 10 26.90 -5.76 21.33
C ASP B 10 26.19 -4.41 21.31
N ALA B 11 26.36 -3.63 22.38
CA ALA B 11 25.77 -2.30 22.44
C ALA B 11 26.39 -1.38 21.39
N GLN B 12 27.71 -1.45 21.20
CA GLN B 12 28.37 -0.61 20.21
C GLN B 12 27.87 -0.94 18.81
N ILE B 13 27.60 -2.22 18.55
CA ILE B 13 27.07 -2.65 17.24
C ILE B 13 25.69 -2.06 16.99
N GLN B 14 24.78 -2.14 17.97
CA GLN B 14 23.46 -1.51 17.82
C GLN B 14 23.56 -0.01 17.61
N ARG B 15 24.47 0.65 18.34
CA ARG B 15 24.66 2.09 18.15
C ARG B 15 25.16 2.40 16.75
N LEU B 16 26.08 1.57 16.23
CA LEU B 16 26.59 1.78 14.89
C LEU B 16 25.50 1.55 13.84
N ARG B 17 24.72 0.48 13.98
CA ARG B 17 23.69 0.14 13.00
C ARG B 17 22.52 1.10 13.01
N GLU B 18 22.33 1.83 14.12
CA GLU B 18 21.25 2.80 14.20
C GLU B 18 21.31 3.83 13.07
N TYR B 19 22.50 4.35 12.80
CA TYR B 19 22.73 5.40 11.80
C TYR B 19 23.54 4.92 10.61
N GLY B 20 24.34 3.87 10.79
CA GLY B 20 25.24 3.42 9.74
C GLY B 20 24.71 2.20 9.01
N ASN B 21 25.06 2.11 7.74
CA ASN B 21 24.80 0.92 6.93
C ASN B 21 26.07 0.22 6.49
N GLY B 22 27.16 0.39 7.24
CA GLY B 22 28.37 -0.37 6.99
C GLY B 22 28.24 -1.74 7.57
N THR B 23 29.38 -2.43 7.66
CA THR B 23 29.43 -3.75 8.28
C THR B 23 30.44 -3.68 9.42
N TYR B 24 30.02 -4.07 10.62
CA TYR B 24 30.77 -3.72 11.82
C TYR B 24 31.19 -4.89 12.67
N GLU B 25 30.49 -6.00 12.60
CA GLU B 25 30.73 -7.08 13.53
C GLU B 25 31.98 -7.89 13.21
N GLN B 26 32.73 -7.56 12.16
CA GLN B 26 33.92 -8.33 11.85
C GLN B 26 35.20 -7.67 12.33
N LYS B 27 35.16 -6.41 12.73
CA LYS B 27 36.39 -5.74 13.12
C LYS B 27 36.93 -6.36 14.40
N VAL B 28 38.26 -6.44 14.50
CA VAL B 28 38.95 -7.05 15.65
C VAL B 28 40.09 -6.14 16.07
N PHE B 29 40.34 -6.06 17.38
CA PHE B 29 41.27 -5.09 17.92
C PHE B 29 42.18 -5.77 18.91
N GLU B 30 43.28 -5.09 19.24
CA GLU B 30 44.25 -5.65 20.17
C GLU B 30 43.74 -5.62 21.60
N ASP B 31 43.11 -4.50 22.00
CA ASP B 31 42.67 -4.37 23.38
C ASP B 31 41.41 -3.49 23.41
N LEU B 32 40.92 -3.22 24.62
CA LEU B 32 39.74 -2.37 24.77
C LEU B 32 40.04 -0.96 24.28
N ALA B 33 41.22 -0.43 24.59
CA ALA B 33 41.52 0.94 24.22
C ALA B 33 41.44 1.13 22.71
N SER B 34 41.91 0.12 21.95
N SER B 34 41.89 0.12 21.95
CA SER B 34 41.87 0.18 20.50
CA SER B 34 41.87 0.21 20.49
C SER B 34 40.46 0.01 19.98
C SER B 34 40.48 -0.04 19.93
N ARG B 35 39.70 -0.95 20.54
CA ARG B 35 38.29 -1.06 20.18
C ARG B 35 37.57 0.27 20.38
N ASP B 36 37.77 0.90 21.53
CA ASP B 36 36.97 2.08 21.80
C ASP B 36 37.41 3.28 20.96
N ALA B 37 38.71 3.39 20.64
CA ALA B 37 39.16 4.45 19.75
C ALA B 37 38.61 4.26 18.36
N ALA B 38 38.57 3.02 17.89
CA ALA B 38 37.97 2.75 16.59
C ALA B 38 36.48 2.99 16.59
N PHE B 39 35.78 2.58 17.66
CA PHE B 39 34.34 2.82 17.75
C PHE B 39 34.03 4.31 17.64
N SER B 40 34.78 5.12 18.37
CA SER B 40 34.62 6.57 18.30
C SER B 40 34.67 7.07 16.84
N LYS B 41 35.68 6.62 16.08
N LYS B 41 35.69 6.64 16.08
CA LYS B 41 35.78 7.10 14.69
CA LYS B 41 35.78 7.06 14.69
C LYS B 41 34.69 6.48 13.81
C LYS B 41 34.64 6.50 13.86
N GLU B 42 34.37 5.20 14.01
CA GLU B 42 33.32 4.58 13.21
C GLU B 42 31.97 5.23 13.47
N MET B 43 31.69 5.55 14.73
CA MET B 43 30.37 6.09 15.07
C MET B 43 30.22 7.47 14.49
N SER B 44 31.31 8.22 14.50
CA SER B 44 31.30 9.55 13.94
C SER B 44 31.04 9.51 12.44
N VAL B 45 31.74 8.60 11.75
CA VAL B 45 31.55 8.42 10.30
C VAL B 45 30.10 8.03 9.99
N ALA B 46 29.57 7.04 10.72
CA ALA B 46 28.21 6.58 10.48
C ALA B 46 27.20 7.72 10.65
N SER B 47 27.36 8.53 11.68
CA SER B 47 26.37 9.59 11.92
C SER B 47 26.50 10.71 10.90
N THR B 48 27.73 11.11 10.53
CA THR B 48 27.91 12.12 9.46
C THR B 48 27.44 11.58 8.11
N ASP B 49 27.73 10.32 7.80
CA ASP B 49 27.22 9.75 6.55
C ASP B 49 25.70 9.83 6.52
N ASN B 50 25.05 9.52 7.65
CA ASN B 50 23.60 9.57 7.70
C ASN B 50 23.07 10.98 7.48
N GLU B 51 23.73 11.98 8.06
CA GLU B 51 23.24 13.34 7.93
C GLU B 51 23.38 13.83 6.50
N LYS B 52 24.49 13.48 5.83
CA LYS B 52 24.66 13.83 4.44
C LYS B 52 23.57 13.21 3.59
N LYS B 53 23.25 11.97 3.92
CA LYS B 53 22.33 11.20 3.13
C LYS B 53 20.93 11.78 3.20
N ILE B 54 20.46 12.07 4.42
CA ILE B 54 19.13 12.66 4.57
C ILE B 54 19.08 14.09 4.02
N LYS B 55 20.17 14.88 4.15
CA LYS B 55 20.11 16.22 3.57
C LYS B 55 20.06 16.15 2.04
N GLY B 56 20.81 15.24 1.42
CA GLY B 56 20.80 15.18 -0.03
C GLY B 56 19.47 14.67 -0.55
N MET B 57 18.82 13.83 0.24
CA MET B 57 17.56 13.24 -0.16
C MET B 57 16.43 14.28 -0.09
N ILE B 58 16.44 15.10 0.97
CA ILE B 58 15.52 16.23 1.09
C ILE B 58 15.73 17.20 -0.05
N ALA B 59 16.97 17.45 -0.41
CA ALA B 59 17.24 18.43 -1.45
C ALA B 59 16.97 17.89 -2.86
N ASN B 60 16.91 16.57 -3.03
CA ASN B 60 16.84 15.96 -4.37
C ASN B 60 15.95 14.71 -4.32
N PRO B 61 14.70 14.89 -3.97
CA PRO B 61 13.83 13.74 -3.69
C PRO B 61 13.60 12.89 -4.92
N SER B 62 13.49 11.57 -4.69
CA SER B 62 13.09 10.58 -5.67
C SER B 62 11.78 9.94 -5.22
N ARG B 63 11.24 9.09 -6.10
CA ARG B 63 10.26 8.12 -5.61
C ARG B 63 10.86 7.37 -4.43
N HIS B 64 10.02 6.84 -3.57
CA HIS B 64 10.50 6.08 -2.41
C HIS B 64 11.18 4.80 -2.88
N GLY B 65 12.18 4.35 -2.14
CA GLY B 65 12.94 3.16 -2.60
C GLY B 65 12.08 1.92 -2.72
N LEU B 66 11.12 1.75 -1.80
CA LEU B 66 10.25 0.60 -1.89
C LEU B 66 9.26 0.76 -3.04
N THR B 67 8.74 1.96 -3.27
CA THR B 67 7.81 2.13 -4.38
C THR B 67 8.51 1.92 -5.73
N GLN B 68 9.74 2.42 -5.84
CA GLN B 68 10.49 2.24 -7.09
C GLN B 68 10.74 0.77 -7.35
N LEU B 69 11.15 0.04 -6.30
CA LEU B 69 11.33 -1.40 -6.44
C LEU B 69 10.07 -2.09 -6.90
N MET B 70 8.92 -1.77 -6.28
CA MET B 70 7.66 -2.35 -6.72
C MET B 70 7.40 -2.06 -8.18
N ASN B 71 7.64 -0.82 -8.60
CA ASN B 71 7.40 -0.45 -10.01
C ASN B 71 8.34 -1.22 -10.95
N ASP B 72 9.61 -1.35 -10.60
CA ASP B 72 10.51 -2.11 -11.47
C ASP B 72 10.01 -3.54 -11.64
N ILE B 73 9.65 -4.18 -10.54
CA ILE B 73 9.22 -5.58 -10.64
C ILE B 73 7.90 -5.68 -11.40
N ALA B 74 6.97 -4.78 -11.10
CA ALA B 74 5.65 -4.81 -11.72
C ALA B 74 5.74 -4.62 -13.24
N ASP B 75 6.50 -3.61 -13.68
CA ASP B 75 6.60 -3.44 -15.13
C ASP B 75 7.18 -4.67 -15.80
N ALA B 76 8.09 -5.37 -15.09
CA ALA B 76 8.69 -6.58 -15.66
C ALA B 76 7.65 -7.68 -15.78
N LEU B 77 6.84 -7.87 -14.74
CA LEU B 77 5.82 -8.92 -14.78
C LEU B 77 4.75 -8.61 -15.81
N VAL B 78 4.32 -7.37 -15.90
CA VAL B 78 3.33 -7.04 -16.92
C VAL B 78 3.87 -7.37 -18.30
N ALA B 79 5.17 -7.16 -18.51
CA ALA B 79 5.72 -7.46 -19.82
C ALA B 79 5.74 -8.97 -20.07
N GLU B 80 5.77 -9.77 -19.02
CA GLU B 80 5.60 -11.21 -19.16
C GLU B 80 4.13 -11.63 -19.20
N GLY B 81 3.19 -10.69 -19.36
CA GLY B 81 1.78 -11.04 -19.48
C GLY B 81 1.01 -11.18 -18.18
N PHE B 82 1.53 -10.67 -17.07
CA PHE B 82 0.82 -10.73 -15.81
C PHE B 82 -0.12 -9.54 -15.69
N ILE B 83 -1.27 -9.79 -15.10
CA ILE B 83 -2.23 -8.75 -14.76
C ILE B 83 -1.95 -8.28 -13.33
N GLU B 84 -1.79 -6.98 -13.14
CA GLU B 84 -1.66 -6.52 -11.76
C GLU B 84 -3.03 -6.43 -11.08
N VAL B 85 -3.15 -6.97 -9.87
CA VAL B 85 -4.40 -6.82 -9.13
C VAL B 85 -4.09 -6.20 -7.78
N ARG B 86 -5.11 -5.59 -7.17
CA ARG B 86 -5.10 -5.09 -5.80
C ARG B 86 -6.29 -5.68 -5.06
N THR B 87 -6.05 -6.32 -3.92
CA THR B 87 -7.14 -6.89 -3.15
C THR B 87 -7.19 -6.26 -1.76
N PRO B 88 -8.30 -6.45 -1.04
CA PRO B 88 -8.45 -5.77 0.25
C PRO B 88 -7.48 -6.29 1.26
N ILE B 89 -7.11 -5.41 2.20
CA ILE B 89 -6.24 -5.83 3.30
C ILE B 89 -7.04 -6.66 4.31
N PHE B 90 -8.34 -6.40 4.47
CA PHE B 90 -9.17 -7.24 5.36
C PHE B 90 -9.44 -8.58 4.69
N ILE B 91 -9.41 -9.66 5.47
CA ILE B 91 -9.93 -10.93 5.01
C ILE B 91 -10.74 -11.58 6.13
N SER B 92 -11.66 -12.45 5.74
CA SER B 92 -12.59 -13.06 6.68
C SER B 92 -11.94 -14.22 7.42
N LYS B 93 -12.50 -14.50 8.62
CA LYS B 93 -12.11 -15.68 9.39
C LYS B 93 -12.23 -16.94 8.54
N ASP B 94 -13.27 -17.01 7.71
CA ASP B 94 -13.51 -18.18 6.86
C ASP B 94 -12.35 -18.43 5.90
N ALA B 95 -11.86 -17.38 5.24
CA ALA B 95 -10.77 -17.54 4.29
C ALA B 95 -9.51 -18.05 4.99
N LEU B 96 -9.24 -17.54 6.19
CA LEU B 96 -8.07 -17.99 6.94
C LEU B 96 -8.18 -19.47 7.32
N ALA B 97 -9.36 -19.92 7.77
CA ALA B 97 -9.52 -21.33 8.08
C ALA B 97 -9.41 -22.18 6.82
N ARG B 98 -9.89 -21.67 5.69
CA ARG B 98 -9.75 -22.38 4.43
C ARG B 98 -8.30 -22.59 4.01
N MET B 99 -7.37 -21.79 4.53
CA MET B 99 -5.95 -22.04 4.29
C MET B 99 -5.36 -22.99 5.33
N THR B 100 -6.21 -23.66 6.12
CA THR B 100 -5.78 -24.46 7.27
C THR B 100 -5.00 -23.62 8.27
N ILE B 101 -5.24 -22.31 8.31
CA ILE B 101 -4.76 -21.46 9.39
C ILE B 101 -5.88 -21.42 10.42
N THR B 102 -5.90 -22.39 11.30
CA THR B 102 -6.99 -22.59 12.25
C THR B 102 -6.47 -22.39 13.66
N GLU B 103 -7.39 -22.51 14.62
CA GLU B 103 -7.11 -22.20 16.02
C GLU B 103 -5.82 -22.84 16.52
N ASP B 104 -5.44 -23.99 15.96
CA ASP B 104 -4.31 -24.78 16.41
C ASP B 104 -3.00 -24.45 15.70
N LYS B 105 -3.01 -23.48 14.80
CA LYS B 105 -1.81 -23.38 13.97
C LYS B 105 -0.83 -22.36 14.52
N PRO B 106 0.45 -22.54 14.19
CA PRO B 106 1.45 -21.51 14.55
C PRO B 106 1.18 -20.13 13.96
N LEU B 107 0.71 -20.03 12.70
CA LEU B 107 0.46 -18.71 12.13
C LEU B 107 -0.78 -18.06 12.73
N PHE B 108 -1.72 -18.84 13.29
CA PHE B 108 -2.93 -18.27 13.87
C PHE B 108 -2.61 -17.32 15.02
N LYS B 109 -1.61 -17.67 15.82
CA LYS B 109 -1.15 -16.76 16.88
C LYS B 109 -0.75 -15.40 16.32
N GLN B 110 -0.24 -15.35 15.08
CA GLN B 110 0.34 -14.13 14.54
C GLN B 110 -0.69 -13.22 13.86
N VAL B 111 -1.96 -13.60 13.82
CA VAL B 111 -2.99 -12.87 13.09
C VAL B 111 -3.49 -11.68 13.91
N PHE B 112 -3.64 -10.51 13.26
CA PHE B 112 -4.29 -9.34 13.86
C PHE B 112 -5.78 -9.38 13.56
N TRP B 113 -6.62 -9.52 14.60
CA TRP B 113 -8.06 -9.57 14.39
C TRP B 113 -8.65 -8.17 14.45
N ILE B 114 -9.59 -7.89 13.56
CA ILE B 114 -10.23 -6.57 13.48
C ILE B 114 -11.56 -6.63 14.20
N ASP B 115 -12.22 -7.78 14.12
CA ASP B 115 -13.46 -8.08 14.82
C ASP B 115 -13.64 -9.60 14.82
N GLU B 116 -14.86 -10.05 15.16
CA GLU B 116 -15.05 -11.48 15.37
C GLU B 116 -14.87 -12.28 14.09
N LYS B 117 -15.07 -11.66 12.92
CA LYS B 117 -15.07 -12.38 11.67
C LYS B 117 -14.05 -11.92 10.63
N ARG B 118 -13.23 -10.93 10.92
CA ARG B 118 -12.31 -10.40 9.91
C ARG B 118 -10.98 -10.06 10.56
N ALA B 119 -9.92 -10.12 9.76
CA ALA B 119 -8.57 -9.88 10.26
C ALA B 119 -7.77 -9.15 9.19
N LEU B 120 -6.66 -8.57 9.60
CA LEU B 120 -5.69 -8.09 8.62
C LEU B 120 -5.02 -9.29 7.97
N ARG B 121 -4.94 -9.30 6.63
CA ARG B 121 -4.35 -10.44 5.94
C ARG B 121 -2.90 -10.64 6.37
N PRO B 122 -2.49 -11.86 6.71
CA PRO B 122 -1.07 -12.17 6.94
C PRO B 122 -0.39 -12.70 5.70
N MET B 123 -1.14 -12.84 4.61
CA MET B 123 -0.58 -13.37 3.38
C MET B 123 -1.50 -12.94 2.26
N LEU B 124 -1.00 -13.06 1.03
CA LEU B 124 -1.77 -12.62 -0.12
C LEU B 124 -2.49 -13.74 -0.85
N ALA B 125 -2.08 -14.99 -0.64
CA ALA B 125 -2.63 -16.09 -1.43
C ALA B 125 -4.15 -16.20 -1.33
N PRO B 126 -4.78 -16.09 -0.15
CA PRO B 126 -6.25 -16.23 -0.11
C PRO B 126 -6.97 -15.33 -1.10
N ASN B 127 -6.74 -14.00 -1.04
CA ASN B 127 -7.39 -13.11 -2.00
C ASN B 127 -6.97 -13.40 -3.43
N LEU B 128 -5.67 -13.63 -3.66
CA LEU B 128 -5.20 -13.82 -5.03
C LEU B 128 -5.80 -15.07 -5.66
N TYR B 129 -5.88 -16.14 -4.88
CA TYR B 129 -6.50 -17.35 -5.40
C TYR B 129 -7.94 -17.07 -5.83
N SER B 130 -8.70 -16.35 -5.00
CA SER B 130 -10.09 -16.03 -5.38
C SER B 130 -10.13 -15.26 -6.70
N VAL B 131 -9.30 -14.22 -6.83
CA VAL B 131 -9.39 -13.43 -8.06
C VAL B 131 -8.98 -14.27 -9.26
N MET B 132 -7.96 -15.09 -9.08
CA MET B 132 -7.49 -15.94 -10.15
C MET B 132 -8.55 -16.95 -10.59
N ARG B 133 -9.23 -17.57 -9.63
CA ARG B 133 -10.31 -18.49 -9.99
C ARG B 133 -11.42 -17.77 -10.78
N ASP B 134 -11.82 -16.56 -10.36
CA ASP B 134 -12.86 -15.86 -11.08
C ASP B 134 -12.41 -15.43 -12.48
N LEU B 135 -11.14 -15.00 -12.64
CA LEU B 135 -10.69 -14.64 -13.98
C LEU B 135 -10.68 -15.86 -14.91
N ARG B 136 -10.39 -17.06 -14.39
CA ARG B 136 -10.40 -18.26 -15.23
C ARG B 136 -11.78 -18.51 -15.87
N ASP B 137 -12.84 -18.02 -15.23
CA ASP B 137 -14.20 -18.13 -15.79
C ASP B 137 -14.35 -17.34 -17.08
N HIS B 138 -13.47 -16.38 -17.36
CA HIS B 138 -13.65 -15.53 -18.52
C HIS B 138 -12.66 -15.78 -19.66
N THR B 139 -11.93 -16.88 -19.61
CA THR B 139 -10.93 -17.09 -20.65
C THR B 139 -10.56 -18.55 -20.70
N ASP B 140 -10.18 -19.02 -21.89
CA ASP B 140 -9.61 -20.35 -21.99
C ASP B 140 -8.11 -20.36 -21.78
N GLY B 141 -7.46 -19.19 -21.83
CA GLY B 141 -6.04 -19.09 -21.62
C GLY B 141 -5.65 -19.25 -20.16
N PRO B 142 -4.35 -19.38 -19.90
CA PRO B 142 -3.88 -19.32 -18.51
C PRO B 142 -4.03 -17.91 -17.98
N VAL B 143 -4.14 -17.82 -16.66
CA VAL B 143 -4.32 -16.56 -15.98
C VAL B 143 -3.07 -16.35 -15.12
N LYS B 144 -2.40 -15.21 -15.33
CA LYS B 144 -1.21 -14.84 -14.56
C LYS B 144 -1.45 -13.48 -13.92
N ILE B 145 -1.32 -13.41 -12.60
CA ILE B 145 -1.62 -12.17 -11.89
C ILE B 145 -0.59 -12.00 -10.79
N PHE B 146 -0.47 -10.77 -10.29
CA PHE B 146 0.36 -10.51 -9.12
C PHE B 146 -0.21 -9.34 -8.35
N GLU B 147 0.14 -9.26 -7.07
CA GLU B 147 -0.23 -8.13 -6.23
C GLU B 147 0.98 -7.74 -5.38
N MET B 148 1.11 -6.45 -5.05
CA MET B 148 2.07 -6.01 -4.06
C MET B 148 1.31 -5.20 -3.04
N GLY B 149 1.53 -5.50 -1.77
CA GLY B 149 0.92 -4.69 -0.74
C GLY B 149 1.21 -5.22 0.64
N SER B 150 0.67 -4.52 1.63
CA SER B 150 1.02 -4.80 3.01
C SER B 150 0.30 -6.03 3.51
N CYS B 151 1.03 -6.90 4.19
CA CYS B 151 0.50 -7.95 5.05
C CYS B 151 1.01 -7.70 6.47
N PHE B 152 0.31 -8.28 7.43
CA PHE B 152 0.53 -7.97 8.84
C PHE B 152 0.67 -9.26 9.63
N ARG B 153 1.73 -9.39 10.45
CA ARG B 153 1.88 -10.53 11.36
C ARG B 153 2.41 -10.08 12.71
N LYS B 154 1.93 -10.70 13.79
CA LYS B 154 2.61 -10.57 15.08
C LYS B 154 3.91 -11.38 15.08
N GLU B 155 5.02 -10.73 15.40
CA GLU B 155 6.33 -11.34 15.21
C GLU B 155 7.17 -11.23 16.46
N SER B 156 8.22 -12.07 16.52
CA SER B 156 9.11 -12.17 17.66
C SER B 156 10.19 -11.09 17.67
N HIS B 157 10.06 -10.04 16.87
CA HIS B 157 11.03 -8.94 16.83
C HIS B 157 12.45 -9.46 16.63
N SER B 158 12.61 -10.40 15.70
CA SER B 158 13.88 -11.00 15.37
C SER B 158 14.55 -10.21 14.24
N GLY B 159 15.60 -10.80 13.65
CA GLY B 159 16.43 -10.15 12.66
C GLY B 159 15.74 -9.43 11.50
N MET B 160 15.01 -10.15 10.65
CA MET B 160 14.47 -9.55 9.43
C MET B 160 12.94 -9.62 9.40
N HIS B 161 12.32 -9.29 10.54
CA HIS B 161 10.87 -9.33 10.65
C HIS B 161 10.32 -7.95 10.99
N LEU B 162 9.28 -7.56 10.26
CA LEU B 162 8.45 -6.41 10.57
C LEU B 162 7.03 -6.89 10.87
N GLU B 163 6.28 -6.14 11.69
CA GLU B 163 4.86 -6.45 11.91
C GLU B 163 4.03 -6.15 10.67
N GLU B 164 4.38 -5.08 9.95
CA GLU B 164 3.81 -4.77 8.65
C GLU B 164 4.93 -4.91 7.64
N PHE B 165 4.72 -5.74 6.62
CA PHE B 165 5.71 -5.80 5.55
C PHE B 165 4.98 -5.85 4.22
N THR B 166 5.72 -5.59 3.17
CA THR B 166 5.18 -5.46 1.83
C THR B 166 5.56 -6.71 1.05
N MET B 167 4.57 -7.52 0.70
CA MET B 167 4.82 -8.74 0.00
C MET B 167 4.47 -8.55 -1.47
N LEU B 168 5.21 -9.21 -2.32
CA LEU B 168 4.83 -9.36 -3.71
C LEU B 168 4.40 -10.81 -3.84
N ALA B 169 3.22 -11.05 -4.39
CA ALA B 169 2.80 -12.41 -4.68
C ALA B 169 2.40 -12.50 -6.13
N LEU B 170 2.94 -13.50 -6.85
CA LEU B 170 2.60 -13.69 -8.24
C LEU B 170 2.06 -15.10 -8.39
N ALA B 171 1.11 -15.29 -9.31
CA ALA B 171 0.50 -16.61 -9.40
C ALA B 171 0.07 -16.85 -10.84
N ASP B 172 0.05 -18.12 -11.22
CA ASP B 172 -0.26 -18.51 -12.59
C ASP B 172 -1.13 -19.75 -12.48
N MET B 173 -2.36 -19.69 -13.05
CA MET B 173 -3.35 -20.75 -12.95
C MET B 173 -3.88 -21.12 -14.35
N GLY B 174 -4.08 -22.42 -14.56
CA GLY B 174 -4.60 -22.93 -15.80
C GLY B 174 -3.62 -23.87 -16.47
N PRO B 175 -3.78 -24.07 -17.79
CA PRO B 175 -2.88 -24.96 -18.56
C PRO B 175 -1.40 -24.83 -18.19
N ARG B 176 -0.74 -25.97 -17.98
CA ARG B 176 0.65 -26.03 -17.57
C ARG B 176 1.52 -26.61 -18.67
N GLY B 177 2.81 -26.29 -18.61
CA GLY B 177 3.82 -26.98 -19.38
C GLY B 177 4.66 -27.80 -18.41
N ASP B 178 5.97 -27.54 -18.36
CA ASP B 178 6.78 -27.92 -17.21
C ASP B 178 6.56 -26.86 -16.15
N ALA B 179 5.78 -27.19 -15.12
CA ALA B 179 5.37 -26.18 -14.15
C ALA B 179 6.58 -25.54 -13.47
N THR B 180 7.51 -26.35 -12.96
CA THR B 180 8.62 -25.81 -12.17
C THR B 180 9.58 -24.98 -13.01
N GLU B 181 9.81 -25.37 -14.27
CA GLU B 181 10.66 -24.57 -15.13
C GLU B 181 10.06 -23.20 -15.39
N VAL B 182 8.74 -23.15 -15.58
CA VAL B 182 8.05 -21.88 -15.76
C VAL B 182 8.17 -21.03 -14.50
N LEU B 183 7.94 -21.66 -13.34
CA LEU B 183 8.04 -20.96 -12.07
C LEU B 183 9.46 -20.41 -11.85
N LYS B 184 10.47 -21.21 -12.19
CA LYS B 184 11.85 -20.76 -11.99
C LYS B 184 12.15 -19.58 -12.89
N ASN B 185 11.58 -19.58 -14.09
CA ASN B 185 11.74 -18.44 -14.99
C ASN B 185 11.11 -17.19 -14.41
N TYR B 186 9.95 -17.34 -13.73
CA TYR B 186 9.28 -16.19 -13.14
C TYR B 186 10.13 -15.58 -12.03
N ILE B 187 10.67 -16.45 -11.18
CA ILE B 187 11.54 -15.99 -10.11
C ILE B 187 12.71 -15.23 -10.69
N SER B 188 13.29 -15.74 -11.78
CA SER B 188 14.40 -15.05 -12.41
C SER B 188 13.99 -13.69 -12.94
N VAL B 189 12.82 -13.61 -13.58
CA VAL B 189 12.31 -12.33 -14.06
C VAL B 189 12.23 -11.33 -12.90
N VAL B 190 11.62 -11.74 -11.79
CA VAL B 190 11.50 -10.89 -10.62
C VAL B 190 12.88 -10.51 -10.06
N MET B 191 13.76 -11.50 -9.93
CA MET B 191 15.01 -11.24 -9.21
C MET B 191 15.93 -10.34 -10.02
N LYS B 192 15.93 -10.49 -11.35
CA LYS B 192 16.70 -9.59 -12.19
C LYS B 192 16.10 -8.19 -12.20
N ALA B 193 14.77 -8.09 -12.29
CA ALA B 193 14.11 -6.78 -12.26
C ALA B 193 14.37 -6.08 -10.94
N ALA B 194 14.50 -6.85 -9.86
CA ALA B 194 14.84 -6.29 -8.56
C ALA B 194 16.28 -5.83 -8.45
N GLY B 195 17.14 -6.23 -9.39
CA GLY B 195 18.56 -5.92 -9.27
C GLY B 195 19.35 -6.88 -8.40
N LEU B 196 18.87 -8.11 -8.21
CA LEU B 196 19.54 -9.14 -7.43
C LEU B 196 19.65 -10.42 -8.25
N PRO B 197 20.42 -10.41 -9.34
CA PRO B 197 20.45 -11.59 -10.23
C PRO B 197 21.09 -12.85 -9.64
N ASP B 198 21.76 -12.81 -8.48
CA ASP B 198 22.44 -13.97 -7.93
C ASP B 198 21.75 -14.42 -6.66
N TYR B 199 21.29 -15.68 -6.64
CA TYR B 199 20.54 -16.22 -5.52
C TYR B 199 20.60 -17.74 -5.57
N ASP B 200 20.20 -18.37 -4.46
CA ASP B 200 20.08 -19.83 -4.38
C ASP B 200 18.63 -20.24 -4.17
N LEU B 201 18.29 -21.43 -4.68
CA LEU B 201 17.00 -22.09 -4.49
C LEU B 201 17.18 -23.25 -3.52
N VAL B 202 16.61 -23.13 -2.31
CA VAL B 202 16.70 -24.16 -1.29
C VAL B 202 15.30 -24.59 -0.87
N GLN B 203 15.13 -25.89 -0.64
CA GLN B 203 13.84 -26.45 -0.25
C GLN B 203 13.67 -26.35 1.26
N GLU B 204 12.56 -25.77 1.68
CA GLU B 204 12.29 -25.47 3.09
C GLU B 204 10.96 -26.05 3.51
N GLU B 205 10.91 -26.52 4.76
CA GLU B 205 9.68 -27.02 5.34
C GLU B 205 8.65 -25.91 5.51
N SER B 206 7.38 -26.27 5.41
CA SER B 206 6.31 -25.29 5.60
C SER B 206 5.11 -25.99 6.23
N ASP B 207 4.44 -25.30 7.15
CA ASP B 207 3.22 -25.82 7.75
C ASP B 207 1.98 -25.55 6.89
N VAL B 208 2.08 -24.63 5.93
CA VAL B 208 0.94 -24.21 5.12
C VAL B 208 0.99 -24.93 3.77
N TYR B 209 2.09 -24.74 3.03
CA TYR B 209 2.26 -25.33 1.70
C TYR B 209 2.94 -26.70 1.73
N LYS B 210 3.10 -27.29 2.90
CA LYS B 210 3.80 -28.56 3.08
C LYS B 210 5.27 -28.42 2.68
N GLU B 211 5.55 -28.25 1.40
CA GLU B 211 6.91 -28.10 0.91
C GLU B 211 6.99 -26.90 -0.03
N THR B 212 7.99 -26.04 0.17
CA THR B 212 8.19 -24.85 -0.64
C THR B 212 9.61 -24.82 -1.19
N ILE B 213 9.78 -24.12 -2.31
CA ILE B 213 11.09 -23.68 -2.76
C ILE B 213 11.31 -22.29 -2.21
N ASP B 214 12.39 -22.10 -1.45
CA ASP B 214 12.75 -20.77 -0.97
C ASP B 214 13.82 -20.14 -1.87
N VAL B 215 13.81 -18.82 -1.92
CA VAL B 215 14.90 -18.06 -2.52
C VAL B 215 15.71 -17.47 -1.38
N GLU B 216 17.01 -17.73 -1.41
CA GLU B 216 17.90 -17.30 -0.37
C GLU B 216 19.04 -16.53 -0.99
N ILE B 217 19.54 -15.54 -0.26
CA ILE B 217 20.75 -14.83 -0.60
C ILE B 217 21.60 -14.80 0.65
N ASN B 218 22.80 -15.39 0.58
CA ASN B 218 23.67 -15.52 1.76
C ASN B 218 22.89 -16.09 2.95
N GLY B 219 22.06 -17.10 2.67
CA GLY B 219 21.31 -17.78 3.71
C GLY B 219 20.08 -17.05 4.23
N GLN B 220 19.76 -15.87 3.68
CA GLN B 220 18.57 -15.13 4.10
C GLN B 220 17.43 -15.40 3.10
N GLU B 221 16.29 -15.85 3.63
CA GLU B 221 15.12 -16.12 2.80
C GLU B 221 14.47 -14.82 2.35
N VAL B 222 14.27 -14.68 1.04
CA VAL B 222 13.55 -13.55 0.47
C VAL B 222 12.29 -13.97 -0.26
N CYS B 223 11.98 -15.27 -0.34
CA CYS B 223 10.87 -15.71 -1.16
C CYS B 223 10.60 -17.17 -0.91
N SER B 224 9.32 -17.54 -0.91
CA SER B 224 8.86 -18.93 -0.98
C SER B 224 7.96 -19.08 -2.18
N ALA B 225 8.21 -20.13 -2.96
CA ALA B 225 7.44 -20.48 -4.13
C ALA B 225 6.86 -21.88 -3.92
N ALA B 226 5.82 -22.21 -4.68
CA ALA B 226 5.19 -23.51 -4.53
C ALA B 226 4.34 -23.84 -5.75
N VAL B 227 4.23 -25.12 -6.05
CA VAL B 227 3.12 -25.57 -6.88
C VAL B 227 1.89 -25.67 -5.99
N GLY B 228 0.82 -25.01 -6.40
CA GLY B 228 -0.31 -24.76 -5.52
C GLY B 228 -0.96 -26.02 -5.00
N PRO B 229 -1.18 -26.05 -3.69
CA PRO B 229 -2.08 -27.04 -3.09
C PRO B 229 -3.52 -26.58 -3.21
N HIS B 230 -4.44 -27.51 -2.93
CA HIS B 230 -5.85 -27.31 -3.29
C HIS B 230 -6.78 -27.30 -2.08
N TYR B 231 -6.26 -27.00 -0.89
CA TYR B 231 -7.15 -26.92 0.27
C TYR B 231 -7.94 -25.62 0.36
N LEU B 232 -7.46 -24.53 -0.27
CA LEU B 232 -8.24 -23.30 -0.28
C LEU B 232 -9.56 -23.50 -0.99
N ASP B 233 -9.55 -24.24 -2.11
CA ASP B 233 -10.76 -24.46 -2.90
C ASP B 233 -11.52 -25.66 -2.33
N ALA B 234 -12.08 -25.45 -1.13
CA ALA B 234 -12.88 -26.47 -0.47
C ALA B 234 -14.28 -26.60 -1.06
N ALA B 235 -14.75 -25.57 -1.79
CA ALA B 235 -16.10 -25.59 -2.35
C ALA B 235 -16.21 -26.37 -3.65
N HIS B 236 -15.08 -26.67 -4.32
CA HIS B 236 -15.08 -27.49 -5.52
C HIS B 236 -14.28 -28.76 -5.26
N ASP B 237 -14.75 -29.87 -5.81
CA ASP B 237 -13.96 -31.09 -5.81
C ASP B 237 -12.85 -31.04 -6.84
N VAL B 238 -13.09 -30.41 -8.00
CA VAL B 238 -12.14 -30.37 -9.10
C VAL B 238 -11.47 -29.00 -9.12
N HIS B 239 -10.14 -28.98 -9.07
CA HIS B 239 -9.36 -27.76 -8.88
C HIS B 239 -8.58 -27.42 -10.14
N GLU B 240 -8.22 -26.15 -10.28
CA GLU B 240 -7.38 -25.79 -11.41
C GLU B 240 -5.92 -25.92 -11.01
N PRO B 241 -5.02 -26.25 -11.93
CA PRO B 241 -3.60 -26.27 -11.56
C PRO B 241 -3.07 -24.85 -11.49
N TRP B 242 -2.20 -24.60 -10.52
CA TRP B 242 -1.66 -23.26 -10.34
C TRP B 242 -0.39 -23.32 -9.51
N SER B 243 0.41 -22.25 -9.62
CA SER B 243 1.64 -22.11 -8.88
C SER B 243 1.83 -20.64 -8.56
N GLY B 244 2.68 -20.36 -7.56
CA GLY B 244 2.90 -18.99 -7.16
C GLY B 244 4.18 -18.79 -6.41
N ALA B 245 4.52 -17.51 -6.18
CA ALA B 245 5.71 -17.12 -5.46
C ALA B 245 5.43 -15.86 -4.65
N GLY B 246 5.86 -15.84 -3.38
CA GLY B 246 5.75 -14.66 -2.53
C GLY B 246 7.11 -14.09 -2.13
N PHE B 247 7.39 -12.83 -2.42
CA PHE B 247 8.69 -12.19 -2.15
C PHE B 247 8.55 -11.14 -1.05
N GLY B 248 9.55 -11.09 -0.15
CA GLY B 248 9.59 -10.01 0.83
C GLY B 248 10.28 -8.80 0.24
N LEU B 249 9.52 -7.77 -0.15
CA LEU B 249 10.17 -6.66 -0.84
C LEU B 249 11.09 -5.86 0.08
N GLU B 250 10.72 -5.68 1.36
CA GLU B 250 11.66 -4.99 2.23
C GLU B 250 12.95 -5.79 2.36
N ARG B 251 12.85 -7.11 2.37
CA ARG B 251 14.05 -7.93 2.45
C ARG B 251 14.89 -7.80 1.20
N LEU B 252 14.24 -7.76 0.03
CA LEU B 252 15.01 -7.59 -1.21
C LEU B 252 15.73 -6.27 -1.18
N LEU B 253 15.02 -5.22 -0.80
CA LEU B 253 15.60 -3.89 -0.85
C LEU B 253 16.75 -3.78 0.14
N THR B 254 16.56 -4.34 1.33
CA THR B 254 17.58 -4.28 2.39
C THR B 254 18.86 -4.95 1.95
N ILE B 255 18.74 -6.13 1.33
CA ILE B 255 19.89 -6.86 0.83
C ILE B 255 20.55 -6.09 -0.30
N ARG B 256 19.77 -5.63 -1.28
CA ARG B 256 20.36 -4.91 -2.40
C ARG B 256 21.09 -3.64 -1.97
N GLU B 257 20.49 -2.85 -1.07
CA GLU B 257 21.07 -1.57 -0.66
C GLU B 257 22.04 -1.74 0.50
N LYS B 258 22.19 -2.96 0.99
CA LYS B 258 23.04 -3.28 2.14
C LYS B 258 22.76 -2.35 3.31
N TYR B 259 21.48 -2.13 3.60
CA TYR B 259 21.10 -1.52 4.86
C TYR B 259 21.38 -2.50 6.01
N SER B 260 21.76 -1.95 7.16
CA SER B 260 22.22 -2.81 8.27
C SER B 260 21.09 -3.45 9.06
N THR B 261 19.85 -2.98 8.93
CA THR B 261 18.69 -3.66 9.51
C THR B 261 17.53 -3.57 8.51
N VAL B 262 16.48 -4.38 8.75
CA VAL B 262 15.34 -4.44 7.83
C VAL B 262 14.34 -3.31 8.04
N LYS B 263 14.52 -2.49 9.07
CA LYS B 263 13.59 -1.43 9.40
C LYS B 263 13.82 -0.16 8.59
N LYS B 264 14.78 -0.13 7.68
CA LYS B 264 15.21 1.16 7.17
C LYS B 264 14.64 1.46 5.78
N GLY B 265 14.23 0.47 5.03
CA GLY B 265 13.86 0.77 3.65
C GLY B 265 12.39 0.84 3.30
N GLY B 266 11.53 0.39 4.22
CA GLY B 266 10.10 0.34 4.06
C GLY B 266 9.37 1.47 4.78
N ALA B 267 8.16 1.16 5.23
CA ALA B 267 7.31 2.14 5.92
C ALA B 267 7.87 2.41 7.31
N SER B 268 7.97 3.68 7.70
CA SER B 268 8.62 4.06 8.96
C SER B 268 8.34 5.52 9.27
N ILE B 269 8.34 5.86 10.57
CA ILE B 269 8.48 7.28 10.95
C ILE B 269 9.83 7.55 11.63
N SER B 270 10.78 6.63 11.54
CA SER B 270 12.15 6.82 11.98
C SER B 270 13.17 6.81 10.86
N TYR B 271 12.91 6.07 9.78
CA TYR B 271 13.86 5.95 8.67
C TYR B 271 13.17 6.36 7.37
N LEU B 272 13.96 6.92 6.45
CA LEU B 272 13.47 7.22 5.10
C LEU B 272 14.55 6.78 4.14
N ASN B 273 14.26 5.78 3.29
CA ASN B 273 15.20 5.31 2.27
C ASN B 273 16.59 5.02 2.83
N GLY B 274 16.65 4.32 3.96
CA GLY B 274 17.93 3.94 4.54
C GLY B 274 18.51 4.89 5.57
N ALA B 275 18.02 6.15 5.66
CA ALA B 275 18.58 7.15 6.57
C ALA B 275 17.68 7.34 7.78
N LYS B 276 18.28 7.53 8.97
CA LYS B 276 17.47 7.83 10.15
C LYS B 276 17.13 9.31 10.18
N ILE B 277 15.83 9.65 10.38
CA ILE B 277 15.46 11.07 10.30
C ILE B 277 15.39 11.75 11.65
N ASN B 278 15.51 11.02 12.73
CA ASN B 278 15.51 11.68 14.04
C ASN B 278 16.79 11.29 14.83
#